data_1HA2
#
_entry.id   1HA2
#
_cell.length_a   187.541
_cell.length_b   38.774
_cell.length_c   95.795
_cell.angle_alpha   90.00
_cell.angle_beta   105.38
_cell.angle_gamma   90.00
#
_symmetry.space_group_name_H-M   'C 1 2 1'
#
loop_
_entity.id
_entity.type
_entity.pdbx_description
1 polymer 'SERUM ALBUMIN'
2 non-polymer 'MYRISTIC ACID'
3 non-polymer S-WARFARIN
4 water water
#
_entity_poly.entity_id   1
_entity_poly.type   'polypeptide(L)'
_entity_poly.pdbx_seq_one_letter_code
;DAHKSEVAHRFKDLGEENFKALVLIAFAQYLQQCPFEDHVKLVNEVTEFAKTCVADESAENCDKSLHTLFGDKLCTVATL
RETYGEMADCCAKQEPERNECFLQHKDDNPNLPRLVRPEVDVMCTAFHDNEETFLKKYLYEIARRHPYFYAPELLFFAKR
YKAAFTECCQAADKAACLLPKLDELRDEGKASSAKQRLKCASLQKFGERAFKAWAVARLSQRFPKAEFAEVSKLVTDLTK
VHTECCHGDLLECADDRADLAKYICENQDSISSKLKECCEKPLLEKSHCIAEVENDEMPADLPSLAADFVESKDVCKNYA
EAKDVFLGMFLYEYARRHPDYSVVLLLRLAKTYETTLEKCCAAADPHECYAKVFDEFKPLVEEPQNLIKQNCELFEQLGE
YKFQNALLVRYTKKVPQVSTPTLVEVSRNLGKVGSKCCKHPEAKRMPCAEDYLSVVLNQLCVLHEKTPVSDRVTKCCTES
LVNRRPCFSALEVDETYVPKEFNAETFTFHADICTLSEKERQIKKQTALVELVKHKPKATKEQLKAVMDDFAAFVEKCCK
ADDKETCFAEEGKKLVAASQAALGL
;
_entity_poly.pdbx_strand_id   A
#
loop_
_chem_comp.id
_chem_comp.type
_chem_comp.name
_chem_comp.formula
MYR non-polymer 'MYRISTIC ACID' 'C14 H28 O2'
SWF non-polymer S-WARFARIN 'C19 H16 O4'
#
# COMPACT_ATOMS: atom_id res chain seq x y z
N HIS A 3 -23.12 -17.20 -22.43
CA HIS A 3 -23.00 -17.98 -23.69
C HIS A 3 -22.55 -19.41 -23.40
N LYS A 4 -22.41 -20.22 -24.44
CA LYS A 4 -21.99 -21.61 -24.29
C LYS A 4 -20.53 -21.81 -23.97
N SER A 5 -19.65 -20.99 -24.55
CA SER A 5 -18.22 -21.15 -24.30
C SER A 5 -17.63 -20.00 -23.51
N GLU A 6 -17.33 -20.29 -22.26
CA GLU A 6 -16.76 -19.32 -21.34
C GLU A 6 -15.41 -18.83 -21.87
N VAL A 7 -14.58 -19.76 -22.32
CA VAL A 7 -13.26 -19.39 -22.84
C VAL A 7 -13.35 -18.46 -24.02
N ALA A 8 -14.24 -18.79 -24.95
CA ALA A 8 -14.42 -18.01 -26.16
C ALA A 8 -14.83 -16.59 -25.81
N HIS A 9 -15.73 -16.50 -24.83
CA HIS A 9 -16.24 -15.23 -24.36
C HIS A 9 -15.15 -14.33 -23.82
N ARG A 10 -14.34 -14.86 -22.91
CA ARG A 10 -13.24 -14.13 -22.30
C ARG A 10 -12.24 -13.69 -23.35
N PHE A 11 -12.00 -14.55 -24.32
CA PHE A 11 -11.06 -14.25 -25.36
C PHE A 11 -11.58 -13.08 -26.18
N LYS A 12 -12.84 -13.15 -26.55
CA LYS A 12 -13.45 -12.10 -27.34
C LYS A 12 -13.38 -10.72 -26.72
N ASP A 13 -13.96 -10.51 -25.54
CA ASP A 13 -13.90 -9.16 -25.02
C ASP A 13 -12.67 -8.81 -24.20
N LEU A 14 -11.60 -9.57 -24.41
CA LEU A 14 -10.34 -9.33 -23.70
C LEU A 14 -9.24 -9.05 -24.72
N GLY A 15 -9.27 -9.78 -25.83
CA GLY A 15 -8.27 -9.61 -26.86
C GLY A 15 -7.16 -10.62 -26.67
N GLU A 16 -6.58 -11.07 -27.77
CA GLU A 16 -5.52 -12.06 -27.74
C GLU A 16 -4.36 -11.61 -26.87
N GLU A 17 -3.90 -10.38 -27.09
CA GLU A 17 -2.78 -9.84 -26.33
C GLU A 17 -2.95 -9.88 -24.83
N ASN A 18 -4.08 -9.37 -24.34
CA ASN A 18 -4.33 -9.34 -22.90
C ASN A 18 -4.57 -10.74 -22.37
N PHE A 19 -5.26 -11.54 -23.16
CA PHE A 19 -5.55 -12.92 -22.83
C PHE A 19 -4.29 -13.73 -22.55
N LYS A 20 -3.34 -13.65 -23.47
CA LYS A 20 -2.08 -14.37 -23.37
C LYS A 20 -1.26 -13.94 -22.17
N ALA A 21 -1.33 -12.65 -21.84
CA ALA A 21 -0.58 -12.11 -20.72
C ALA A 21 -1.18 -12.54 -19.39
N LEU A 22 -2.50 -12.53 -19.34
CA LEU A 22 -3.23 -12.93 -18.15
C LEU A 22 -3.03 -14.40 -17.87
N VAL A 23 -3.23 -15.23 -18.89
CA VAL A 23 -3.06 -16.67 -18.73
C VAL A 23 -1.68 -16.91 -18.20
N LEU A 24 -0.72 -16.14 -18.69
CA LEU A 24 0.65 -16.27 -18.25
C LEU A 24 0.77 -15.95 -16.76
N ILE A 25 0.23 -14.79 -16.36
CA ILE A 25 0.30 -14.37 -14.96
C ILE A 25 -0.39 -15.42 -14.09
N ALA A 26 -1.54 -15.91 -14.54
CA ALA A 26 -2.30 -16.88 -13.78
C ALA A 26 -1.50 -18.14 -13.50
N PHE A 27 -0.88 -18.70 -14.53
CA PHE A 27 -0.08 -19.91 -14.33
C PHE A 27 1.15 -19.66 -13.49
N ALA A 28 1.78 -18.50 -13.66
CA ALA A 28 2.96 -18.18 -12.89
C ALA A 28 2.59 -18.05 -11.41
N GLN A 29 1.35 -17.67 -11.12
CA GLN A 29 0.93 -17.53 -9.74
C GLN A 29 0.67 -18.87 -9.06
N TYR A 30 0.33 -19.91 -9.81
CA TYR A 30 0.12 -21.22 -9.19
C TYR A 30 1.38 -22.09 -9.31
N LEU A 31 1.89 -22.23 -10.52
CA LEU A 31 3.09 -23.02 -10.75
C LEU A 31 4.30 -22.13 -10.65
N GLN A 32 4.50 -21.59 -9.46
CA GLN A 32 5.60 -20.68 -9.19
C GLN A 32 7.01 -21.24 -9.35
N GLN A 33 7.14 -22.57 -9.39
CA GLN A 33 8.47 -23.16 -9.52
C GLN A 33 8.86 -23.61 -10.92
N CYS A 34 7.93 -23.60 -11.86
CA CYS A 34 8.23 -24.00 -13.22
C CYS A 34 9.00 -22.93 -14.00
N PRO A 35 9.85 -23.35 -14.95
CA PRO A 35 10.63 -22.38 -15.74
C PRO A 35 9.76 -21.57 -16.71
N PHE A 36 10.27 -20.41 -17.10
CA PHE A 36 9.56 -19.55 -18.02
C PHE A 36 9.11 -20.25 -19.30
N GLU A 37 10.01 -20.98 -19.94
CA GLU A 37 9.69 -21.67 -21.18
C GLU A 37 8.55 -22.69 -21.10
N ASP A 38 8.30 -23.21 -19.90
CA ASP A 38 7.21 -24.16 -19.70
C ASP A 38 5.87 -23.42 -19.68
N HIS A 39 5.86 -22.25 -19.07
CA HIS A 39 4.65 -21.43 -19.00
C HIS A 39 4.27 -20.91 -20.37
N VAL A 40 5.28 -20.50 -21.12
CA VAL A 40 5.05 -19.98 -22.46
C VAL A 40 4.36 -21.03 -23.28
N LYS A 41 4.81 -22.27 -23.11
CA LYS A 41 4.23 -23.39 -23.83
C LYS A 41 2.75 -23.53 -23.47
N LEU A 42 2.45 -23.55 -22.17
CA LEU A 42 1.08 -23.67 -21.70
C LEU A 42 0.21 -22.54 -22.27
N VAL A 43 0.71 -21.31 -22.18
CA VAL A 43 -0.02 -20.17 -22.71
C VAL A 43 -0.40 -20.41 -24.17
N ASN A 44 0.53 -20.89 -24.97
CA ASN A 44 0.22 -21.15 -26.38
C ASN A 44 -0.87 -22.20 -26.52
N GLU A 45 -0.77 -23.28 -25.75
CA GLU A 45 -1.78 -24.35 -25.83
C GLU A 45 -3.16 -23.87 -25.42
N VAL A 46 -3.21 -23.01 -24.40
CA VAL A 46 -4.50 -22.50 -23.94
C VAL A 46 -5.03 -21.48 -24.95
N THR A 47 -4.13 -20.70 -25.53
CA THR A 47 -4.49 -19.69 -26.52
C THR A 47 -5.02 -20.41 -27.76
N GLU A 48 -4.37 -21.50 -28.15
CA GLU A 48 -4.82 -22.26 -29.30
C GLU A 48 -6.21 -22.79 -29.01
N PHE A 49 -6.36 -23.36 -27.82
CA PHE A 49 -7.66 -23.89 -27.42
C PHE A 49 -8.72 -22.80 -27.53
N ALA A 50 -8.41 -21.60 -27.05
CA ALA A 50 -9.36 -20.49 -27.11
C ALA A 50 -9.76 -20.14 -28.55
N LYS A 51 -8.79 -19.96 -29.45
CA LYS A 51 -9.12 -19.63 -30.83
C LYS A 51 -10.11 -20.65 -31.39
N THR A 52 -9.89 -21.91 -31.05
CA THR A 52 -10.77 -22.98 -31.49
C THR A 52 -12.22 -22.72 -31.08
N CYS A 53 -12.43 -22.40 -29.83
CA CYS A 53 -13.77 -22.15 -29.33
C CYS A 53 -14.36 -20.88 -29.92
N VAL A 54 -13.50 -19.97 -30.36
CA VAL A 54 -13.98 -18.76 -30.96
C VAL A 54 -14.58 -19.14 -32.30
N ALA A 55 -13.90 -20.05 -33.00
CA ALA A 55 -14.36 -20.51 -34.32
C ALA A 55 -15.62 -21.34 -34.22
N ASP A 56 -15.66 -22.22 -33.23
CA ASP A 56 -16.81 -23.09 -33.04
C ASP A 56 -17.16 -23.13 -31.56
N GLU A 57 -18.16 -22.34 -31.19
CA GLU A 57 -18.65 -22.25 -29.83
C GLU A 57 -18.97 -23.63 -29.29
N SER A 58 -19.26 -24.56 -30.20
CA SER A 58 -19.64 -25.92 -29.82
C SER A 58 -18.53 -26.97 -29.92
N ALA A 59 -17.31 -26.52 -30.20
CA ALA A 59 -16.18 -27.44 -30.31
C ALA A 59 -15.92 -28.17 -29.00
N GLU A 60 -15.11 -29.23 -29.07
CA GLU A 60 -14.81 -30.05 -27.91
C GLU A 60 -14.27 -29.27 -26.70
N ASN A 61 -14.77 -29.62 -25.51
CA ASN A 61 -14.35 -29.02 -24.25
C ASN A 61 -14.68 -27.53 -24.09
N CYS A 62 -15.01 -26.89 -25.19
CA CYS A 62 -15.33 -25.47 -25.14
C CYS A 62 -16.46 -25.14 -24.16
N ASP A 63 -17.27 -26.14 -23.83
CA ASP A 63 -18.37 -25.87 -22.92
C ASP A 63 -17.93 -25.95 -21.47
N LYS A 64 -16.71 -26.43 -21.24
CA LYS A 64 -16.23 -26.53 -19.87
C LYS A 64 -15.90 -25.17 -19.28
N SER A 65 -16.16 -25.04 -17.99
CA SER A 65 -15.91 -23.79 -17.29
C SER A 65 -14.41 -23.56 -17.18
N LEU A 66 -14.04 -22.30 -16.99
CA LEU A 66 -12.64 -21.90 -16.87
C LEU A 66 -11.94 -22.58 -15.70
N HIS A 67 -12.64 -22.72 -14.57
CA HIS A 67 -12.04 -23.38 -13.42
C HIS A 67 -11.64 -24.78 -13.83
N THR A 68 -12.59 -25.51 -14.41
CA THR A 68 -12.36 -26.86 -14.85
C THR A 68 -11.20 -26.90 -15.85
N LEU A 69 -11.27 -26.07 -16.88
CA LEU A 69 -10.21 -26.06 -17.88
C LEU A 69 -8.87 -25.75 -17.24
N PHE A 70 -8.82 -24.65 -16.50
CA PHE A 70 -7.61 -24.23 -15.80
C PHE A 70 -7.08 -25.34 -14.90
N GLY A 71 -7.98 -26.01 -14.20
CA GLY A 71 -7.59 -27.10 -13.34
C GLY A 71 -6.98 -28.26 -14.09
N ASP A 72 -7.58 -28.64 -15.22
CA ASP A 72 -7.04 -29.75 -15.98
C ASP A 72 -5.65 -29.46 -16.52
N LYS A 73 -5.43 -28.28 -17.06
CA LYS A 73 -4.12 -27.94 -17.58
C LYS A 73 -3.08 -28.03 -16.48
N LEU A 74 -3.45 -27.53 -15.31
CA LEU A 74 -2.54 -27.53 -14.17
C LEU A 74 -2.09 -28.95 -13.86
N CYS A 75 -3.06 -29.86 -13.83
CA CYS A 75 -2.79 -31.26 -13.53
C CYS A 75 -2.04 -32.00 -14.62
N THR A 76 -1.80 -31.30 -15.72
CA THR A 76 -1.09 -31.84 -16.87
C THR A 76 0.41 -31.93 -16.59
N VAL A 77 0.93 -30.92 -15.92
CA VAL A 77 2.34 -30.85 -15.58
C VAL A 77 2.75 -32.15 -14.91
N ALA A 78 3.62 -32.91 -15.58
CA ALA A 78 4.08 -34.21 -15.09
C ALA A 78 4.98 -34.16 -13.85
N THR A 79 5.77 -33.10 -13.72
CA THR A 79 6.66 -32.96 -12.56
C THR A 79 5.92 -32.36 -11.37
N LEU A 80 4.59 -32.29 -11.48
CA LEU A 80 3.74 -31.72 -10.44
C LEU A 80 4.03 -32.28 -9.04
N ARG A 81 3.88 -33.60 -8.87
CA ARG A 81 4.12 -34.21 -7.58
C ARG A 81 5.55 -34.10 -7.07
N GLU A 82 6.52 -34.24 -7.97
CA GLU A 82 7.91 -34.16 -7.55
C GLU A 82 8.33 -32.74 -7.19
N THR A 83 7.89 -31.78 -7.99
CA THR A 83 8.24 -30.38 -7.77
C THR A 83 7.39 -29.71 -6.72
N TYR A 84 6.11 -30.07 -6.70
CA TYR A 84 5.17 -29.45 -5.77
C TYR A 84 4.61 -30.37 -4.69
N GLY A 85 4.99 -31.65 -4.73
CA GLY A 85 4.51 -32.59 -3.73
C GLY A 85 3.02 -32.58 -3.47
N GLU A 86 2.64 -32.24 -2.24
CA GLU A 86 1.25 -32.18 -1.81
C GLU A 86 0.28 -31.64 -2.85
N MET A 87 0.68 -30.54 -3.50
CA MET A 87 -0.19 -29.92 -4.49
C MET A 87 -0.69 -30.92 -5.52
N ALA A 88 0.14 -31.88 -5.90
CA ALA A 88 -0.26 -32.87 -6.89
C ALA A 88 -1.50 -33.63 -6.41
N ASP A 89 -1.66 -33.80 -5.10
CA ASP A 89 -2.81 -34.52 -4.56
C ASP A 89 -4.13 -33.79 -4.82
N CYS A 90 -4.03 -32.52 -5.21
CA CYS A 90 -5.23 -31.74 -5.51
C CYS A 90 -5.89 -32.27 -6.75
N CYS A 91 -5.07 -32.72 -7.69
CA CYS A 91 -5.54 -33.25 -8.97
C CYS A 91 -6.41 -34.48 -8.81
N ALA A 92 -6.48 -35.03 -7.61
CA ALA A 92 -7.29 -36.22 -7.36
C ALA A 92 -8.72 -35.91 -6.91
N LYS A 93 -9.01 -34.64 -6.68
CA LYS A 93 -10.33 -34.22 -6.22
C LYS A 93 -11.26 -33.73 -7.33
N GLN A 94 -12.56 -33.71 -7.04
CA GLN A 94 -13.57 -33.25 -8.00
C GLN A 94 -13.41 -31.73 -8.11
N GLU A 95 -13.58 -31.20 -9.32
CA GLU A 95 -13.36 -29.78 -9.55
C GLU A 95 -13.74 -28.77 -8.47
N PRO A 96 -15.00 -28.77 -8.01
CA PRO A 96 -15.28 -27.76 -6.98
C PRO A 96 -14.21 -27.65 -5.89
N GLU A 97 -13.68 -28.78 -5.44
CA GLU A 97 -12.66 -28.78 -4.38
C GLU A 97 -11.24 -28.71 -4.92
N ARG A 98 -11.04 -29.17 -6.15
CA ARG A 98 -9.72 -29.14 -6.75
C ARG A 98 -9.16 -27.71 -6.75
N ASN A 99 -9.98 -26.74 -7.18
CA ASN A 99 -9.58 -25.33 -7.23
C ASN A 99 -9.37 -24.82 -5.82
N GLU A 100 -10.24 -25.24 -4.90
CA GLU A 100 -10.15 -24.84 -3.51
C GLU A 100 -8.82 -25.36 -2.95
N CYS A 101 -8.47 -26.56 -3.36
CA CYS A 101 -7.22 -27.22 -2.94
C CYS A 101 -6.00 -26.47 -3.46
N PHE A 102 -6.08 -25.97 -4.69
CA PHE A 102 -4.94 -25.23 -5.26
C PHE A 102 -4.65 -23.92 -4.54
N LEU A 103 -5.68 -23.21 -4.12
CA LEU A 103 -5.46 -21.95 -3.42
C LEU A 103 -4.64 -22.17 -2.16
N GLN A 104 -4.99 -23.21 -1.40
CA GLN A 104 -4.29 -23.53 -0.14
C GLN A 104 -2.80 -23.78 -0.30
N HIS A 105 -2.35 -24.04 -1.52
CA HIS A 105 -0.94 -24.34 -1.72
C HIS A 105 -0.22 -23.25 -2.48
N LYS A 106 -0.96 -22.21 -2.82
CA LYS A 106 -0.39 -21.07 -3.51
C LYS A 106 0.48 -20.38 -2.45
N ASP A 107 1.76 -20.73 -2.41
CA ASP A 107 2.67 -20.15 -1.43
C ASP A 107 2.75 -18.64 -1.62
N ASP A 108 2.31 -17.90 -0.62
CA ASP A 108 2.31 -16.45 -0.66
C ASP A 108 3.70 -15.83 -0.73
N ASN A 109 4.71 -16.55 -0.25
CA ASN A 109 6.07 -16.04 -0.26
C ASN A 109 7.08 -17.15 -0.45
N PRO A 110 7.48 -17.39 -1.71
CA PRO A 110 8.45 -18.44 -2.03
C PRO A 110 9.87 -18.00 -1.73
N ASN A 111 10.79 -18.96 -1.75
CA ASN A 111 12.19 -18.67 -1.49
C ASN A 111 12.92 -18.53 -2.79
N LEU A 112 12.51 -17.54 -3.57
CA LEU A 112 13.12 -17.24 -4.86
C LEU A 112 14.13 -16.15 -4.61
N PRO A 113 15.17 -16.07 -5.44
CA PRO A 113 16.20 -15.04 -5.27
C PRO A 113 15.62 -13.66 -5.51
N ARG A 114 16.12 -12.66 -4.77
CA ARG A 114 15.64 -11.31 -4.97
C ARG A 114 16.02 -10.94 -6.41
N LEU A 115 15.07 -10.42 -7.15
CA LEU A 115 15.28 -10.01 -8.54
C LEU A 115 16.22 -8.81 -8.57
N VAL A 116 17.31 -8.92 -9.32
CA VAL A 116 18.25 -7.80 -9.39
C VAL A 116 18.04 -6.97 -10.63
N ARG A 117 18.22 -5.66 -10.49
CA ARG A 117 18.06 -4.76 -11.62
C ARG A 117 19.36 -4.70 -12.40
N PRO A 118 19.34 -5.20 -13.65
CA PRO A 118 20.53 -5.18 -14.49
C PRO A 118 20.77 -3.75 -14.97
N GLU A 119 21.91 -3.52 -15.63
CA GLU A 119 22.25 -2.19 -16.12
C GLU A 119 21.35 -1.72 -17.26
N VAL A 120 21.09 -0.42 -17.30
CA VAL A 120 20.24 0.17 -18.32
C VAL A 120 20.57 -0.32 -19.73
N ASP A 121 21.84 -0.32 -20.07
CA ASP A 121 22.27 -0.76 -21.40
C ASP A 121 21.85 -2.18 -21.69
N VAL A 122 22.05 -3.08 -20.72
CA VAL A 122 21.67 -4.47 -20.92
C VAL A 122 20.15 -4.56 -21.09
N MET A 123 19.40 -3.86 -20.23
CA MET A 123 17.94 -3.91 -20.34
C MET A 123 17.46 -3.43 -21.69
N CYS A 124 17.82 -2.19 -22.05
CA CYS A 124 17.43 -1.60 -23.31
C CYS A 124 17.78 -2.47 -24.51
N THR A 125 18.96 -3.07 -24.50
CA THR A 125 19.34 -3.93 -25.62
C THR A 125 18.46 -5.17 -25.67
N ALA A 126 18.18 -5.76 -24.51
CA ALA A 126 17.33 -6.95 -24.46
C ALA A 126 15.95 -6.52 -24.92
N PHE A 127 15.55 -5.35 -24.45
CA PHE A 127 14.26 -4.79 -24.80
C PHE A 127 14.12 -4.71 -26.31
N HIS A 128 15.10 -4.11 -26.97
CA HIS A 128 15.08 -3.97 -28.42
C HIS A 128 15.17 -5.27 -29.19
N ASP A 129 16.00 -6.20 -28.72
CA ASP A 129 16.17 -7.48 -29.42
C ASP A 129 14.91 -8.32 -29.41
N ASN A 130 14.14 -8.25 -28.33
CA ASN A 130 12.94 -9.05 -28.24
C ASN A 130 12.00 -8.44 -27.22
N GLU A 131 11.32 -7.39 -27.63
CA GLU A 131 10.40 -6.67 -26.74
C GLU A 131 9.46 -7.60 -25.98
N GLU A 132 8.88 -8.58 -26.66
CA GLU A 132 7.94 -9.45 -26.00
C GLU A 132 8.50 -10.42 -24.97
N THR A 133 9.50 -11.21 -25.33
CA THR A 133 10.03 -12.16 -24.34
C THR A 133 10.71 -11.45 -23.18
N PHE A 134 11.11 -10.20 -23.40
CA PHE A 134 11.74 -9.44 -22.34
C PHE A 134 10.71 -9.09 -21.26
N LEU A 135 9.56 -8.61 -21.69
CA LEU A 135 8.49 -8.21 -20.78
C LEU A 135 7.75 -9.40 -20.18
N LYS A 136 7.60 -10.47 -20.95
CA LYS A 136 6.89 -11.64 -20.46
C LYS A 136 7.74 -12.33 -19.41
N LYS A 137 9.04 -12.32 -19.63
CA LYS A 137 9.97 -12.93 -18.69
C LYS A 137 9.83 -12.28 -17.34
N TYR A 138 9.74 -10.96 -17.34
CA TYR A 138 9.62 -10.24 -16.10
C TYR A 138 8.23 -10.32 -15.53
N LEU A 139 7.23 -10.31 -16.40
CA LEU A 139 5.87 -10.41 -15.94
C LEU A 139 5.84 -11.72 -15.14
N TYR A 140 6.50 -12.73 -15.71
CA TYR A 140 6.60 -14.06 -15.10
C TYR A 140 7.33 -14.02 -13.74
N GLU A 141 8.48 -13.35 -13.70
CA GLU A 141 9.28 -13.24 -12.48
C GLU A 141 8.54 -12.51 -11.36
N ILE A 142 7.79 -11.48 -11.72
CA ILE A 142 7.01 -10.71 -10.77
C ILE A 142 5.78 -11.48 -10.29
N ALA A 143 5.01 -12.04 -11.23
CA ALA A 143 3.81 -12.79 -10.90
C ALA A 143 4.07 -14.00 -9.99
N ARG A 144 5.15 -14.73 -10.22
CA ARG A 144 5.45 -15.89 -9.37
C ARG A 144 5.88 -15.49 -7.95
N ARG A 145 6.45 -14.30 -7.81
CA ARG A 145 6.86 -13.82 -6.50
C ARG A 145 5.68 -13.17 -5.76
N HIS A 146 4.64 -12.80 -6.48
CA HIS A 146 3.48 -12.18 -5.84
C HIS A 146 2.16 -12.82 -6.25
N PRO A 147 1.97 -14.08 -5.86
CA PRO A 147 0.81 -14.93 -6.12
C PRO A 147 -0.56 -14.31 -5.91
N TYR A 148 -0.65 -13.32 -5.03
CA TYR A 148 -1.94 -12.70 -4.74
C TYR A 148 -2.27 -11.38 -5.43
N PHE A 149 -1.26 -10.77 -6.04
CA PHE A 149 -1.44 -9.50 -6.73
C PHE A 149 -2.52 -9.69 -7.79
N TYR A 150 -3.55 -8.85 -7.78
CA TYR A 150 -4.60 -8.98 -8.77
C TYR A 150 -3.96 -8.93 -10.18
N ALA A 151 -4.09 -10.02 -10.92
CA ALA A 151 -3.50 -10.16 -12.26
C ALA A 151 -3.67 -8.96 -13.19
N PRO A 152 -4.90 -8.51 -13.43
CA PRO A 152 -5.16 -7.38 -14.31
C PRO A 152 -4.33 -6.16 -13.96
N GLU A 153 -4.16 -5.91 -12.68
CA GLU A 153 -3.39 -4.76 -12.25
C GLU A 153 -1.93 -4.98 -12.57
N LEU A 154 -1.49 -6.23 -12.42
CA LEU A 154 -0.11 -6.56 -12.70
C LEU A 154 0.14 -6.33 -14.18
N LEU A 155 -0.91 -6.52 -14.98
CA LEU A 155 -0.80 -6.30 -16.40
C LEU A 155 -0.74 -4.80 -16.64
N PHE A 156 -1.57 -4.07 -15.91
CA PHE A 156 -1.61 -2.61 -16.01
C PHE A 156 -0.23 -2.02 -15.75
N PHE A 157 0.50 -2.61 -14.80
CA PHE A 157 1.85 -2.14 -14.48
C PHE A 157 2.83 -2.48 -15.61
N ALA A 158 2.62 -3.64 -16.22
CA ALA A 158 3.50 -4.09 -17.30
C ALA A 158 3.50 -3.09 -18.43
N LYS A 159 2.33 -2.53 -18.70
CA LYS A 159 2.20 -1.56 -19.77
C LYS A 159 2.91 -0.25 -19.46
N ARG A 160 2.98 0.11 -18.18
CA ARG A 160 3.68 1.34 -17.82
C ARG A 160 5.17 1.08 -17.96
N TYR A 161 5.59 -0.14 -17.64
CA TYR A 161 6.98 -0.51 -17.78
C TYR A 161 7.39 -0.47 -19.26
N LYS A 162 6.52 -0.97 -20.13
CA LYS A 162 6.81 -0.96 -21.56
C LYS A 162 6.96 0.47 -22.03
N ALA A 163 6.02 1.32 -21.63
CA ALA A 163 6.09 2.72 -22.03
C ALA A 163 7.41 3.36 -21.61
N ALA A 164 7.86 3.08 -20.39
CA ALA A 164 9.10 3.66 -19.88
C ALA A 164 10.34 3.19 -20.65
N PHE A 165 10.26 2.03 -21.27
CA PHE A 165 11.40 1.54 -22.03
C PHE A 165 11.38 2.15 -23.43
N THR A 166 10.20 2.14 -24.05
CA THR A 166 10.03 2.72 -25.38
C THR A 166 10.60 4.13 -25.42
N GLU A 167 10.22 4.93 -24.44
CA GLU A 167 10.66 6.31 -24.35
C GLU A 167 12.11 6.47 -23.96
N CYS A 168 12.46 5.92 -22.81
CA CYS A 168 13.81 6.03 -22.29
C CYS A 168 14.92 5.40 -23.11
N CYS A 169 14.69 4.23 -23.67
CA CYS A 169 15.74 3.60 -24.43
C CYS A 169 16.08 4.34 -25.72
N GLN A 170 15.29 5.36 -26.04
CA GLN A 170 15.50 6.19 -27.21
C GLN A 170 16.12 7.53 -26.82
N ALA A 171 16.30 7.72 -25.52
CA ALA A 171 16.86 8.97 -25.01
C ALA A 171 18.38 9.10 -25.15
N ALA A 172 18.84 10.34 -25.25
CA ALA A 172 20.26 10.62 -25.37
C ALA A 172 20.95 9.91 -24.23
N ASP A 173 20.49 10.20 -23.02
CA ASP A 173 21.02 9.58 -21.82
C ASP A 173 19.92 8.65 -21.28
N LYS A 174 20.06 7.36 -21.56
CA LYS A 174 19.08 6.37 -21.13
C LYS A 174 18.81 6.41 -19.63
N ALA A 175 19.85 6.16 -18.84
CA ALA A 175 19.75 6.13 -17.38
C ALA A 175 18.97 7.28 -16.75
N ALA A 176 19.31 8.51 -17.12
CA ALA A 176 18.64 9.68 -16.55
C ALA A 176 17.13 9.66 -16.74
N CYS A 177 16.70 8.96 -17.78
CA CYS A 177 15.28 8.83 -18.10
C CYS A 177 14.65 7.60 -17.45
N LEU A 178 15.33 6.47 -17.56
CA LEU A 178 14.81 5.21 -17.04
C LEU A 178 14.87 4.96 -15.54
N LEU A 179 16.07 4.99 -14.97
CA LEU A 179 16.23 4.73 -13.55
C LEU A 179 15.14 5.33 -12.68
N PRO A 180 14.86 6.63 -12.83
CA PRO A 180 13.80 7.18 -11.97
C PRO A 180 12.42 6.62 -12.28
N LYS A 181 12.09 6.47 -13.56
CA LYS A 181 10.78 5.93 -13.91
C LYS A 181 10.63 4.54 -13.30
N LEU A 182 11.74 3.81 -13.29
CA LEU A 182 11.74 2.48 -12.72
C LEU A 182 11.59 2.52 -11.21
N ASP A 183 12.30 3.45 -10.55
CA ASP A 183 12.20 3.56 -9.09
C ASP A 183 10.76 3.93 -8.71
N GLU A 184 10.14 4.77 -9.53
CA GLU A 184 8.78 5.19 -9.28
C GLU A 184 7.84 3.99 -9.47
N LEU A 185 8.11 3.18 -10.49
CA LEU A 185 7.30 2.01 -10.76
C LEU A 185 7.36 1.01 -9.61
N ARG A 186 8.57 0.76 -9.12
CA ARG A 186 8.74 -0.18 -8.03
C ARG A 186 7.96 0.24 -6.78
N ASP A 187 8.26 1.42 -6.26
CA ASP A 187 7.56 1.88 -5.07
C ASP A 187 6.05 1.81 -5.24
N GLU A 188 5.55 2.38 -6.33
CA GLU A 188 4.12 2.35 -6.58
C GLU A 188 3.62 0.89 -6.62
N GLY A 189 4.43 -0.01 -7.17
CA GLY A 189 4.03 -1.40 -7.24
C GLY A 189 4.02 -2.03 -5.86
N LYS A 190 5.01 -1.68 -5.05
CA LYS A 190 5.09 -2.20 -3.70
C LYS A 190 3.94 -1.63 -2.86
N ALA A 191 3.58 -0.39 -3.12
CA ALA A 191 2.48 0.24 -2.38
C ALA A 191 1.15 -0.42 -2.74
N SER A 192 0.92 -0.63 -4.03
CA SER A 192 -0.32 -1.26 -4.46
C SER A 192 -0.39 -2.65 -3.82
N SER A 193 0.75 -3.32 -3.78
CA SER A 193 0.83 -4.65 -3.19
C SER A 193 0.51 -4.60 -1.70
N ALA A 194 1.19 -3.75 -0.96
CA ALA A 194 0.97 -3.64 0.47
C ALA A 194 -0.46 -3.27 0.84
N LYS A 195 -1.12 -2.47 0.00
CA LYS A 195 -2.50 -2.04 0.26
C LYS A 195 -3.49 -3.17 0.07
N GLN A 196 -3.20 -4.09 -0.86
CA GLN A 196 -4.11 -5.20 -1.11
C GLN A 196 -4.05 -6.20 0.04
N ARG A 197 -2.85 -6.44 0.54
CA ARG A 197 -2.65 -7.37 1.65
C ARG A 197 -3.23 -6.77 2.92
N LEU A 198 -3.12 -5.46 3.02
CA LEU A 198 -3.65 -4.72 4.16
C LEU A 198 -5.16 -4.90 4.24
N LYS A 199 -5.85 -4.49 3.19
CA LYS A 199 -7.30 -4.58 3.13
C LYS A 199 -7.77 -6.01 3.40
N CYS A 200 -6.97 -6.99 3.00
CA CYS A 200 -7.36 -8.38 3.23
C CYS A 200 -7.14 -8.81 4.68
N ALA A 201 -6.03 -8.39 5.26
CA ALA A 201 -5.72 -8.71 6.65
C ALA A 201 -6.83 -8.12 7.50
N SER A 202 -7.08 -6.84 7.24
CA SER A 202 -8.11 -6.08 7.94
C SER A 202 -9.44 -6.81 7.89
N LEU A 203 -9.89 -7.16 6.69
CA LEU A 203 -11.15 -7.88 6.55
C LEU A 203 -11.14 -9.15 7.40
N GLN A 204 -9.96 -9.74 7.59
CA GLN A 204 -9.82 -10.98 8.35
C GLN A 204 -9.80 -10.76 9.85
N LYS A 205 -8.93 -9.86 10.32
CA LYS A 205 -8.84 -9.56 11.75
C LYS A 205 -10.09 -8.88 12.31
N PHE A 206 -10.30 -7.63 11.89
CA PHE A 206 -11.41 -6.81 12.37
C PHE A 206 -12.81 -7.18 11.94
N GLY A 207 -12.95 -7.98 10.90
CA GLY A 207 -14.29 -8.36 10.50
C GLY A 207 -14.97 -7.47 9.48
N GLU A 208 -16.15 -7.92 9.09
CA GLU A 208 -16.95 -7.25 8.08
C GLU A 208 -17.50 -5.88 8.45
N ARG A 209 -17.87 -5.69 9.71
CA ARG A 209 -18.43 -4.42 10.11
C ARG A 209 -17.45 -3.27 9.93
N ALA A 210 -16.23 -3.46 10.40
CA ALA A 210 -15.20 -2.43 10.29
C ALA A 210 -14.88 -2.13 8.83
N PHE A 211 -14.99 -3.15 7.99
CA PHE A 211 -14.69 -2.96 6.59
C PHE A 211 -15.76 -2.07 5.95
N LYS A 212 -17.02 -2.42 6.17
CA LYS A 212 -18.12 -1.66 5.60
C LYS A 212 -18.08 -0.21 6.06
N ALA A 213 -17.68 -0.01 7.31
CA ALA A 213 -17.60 1.32 7.88
C ALA A 213 -16.56 2.11 7.07
N TRP A 214 -15.41 1.50 6.87
CA TRP A 214 -14.34 2.11 6.11
C TRP A 214 -14.85 2.43 4.69
N ALA A 215 -15.54 1.47 4.08
CA ALA A 215 -16.06 1.61 2.73
C ALA A 215 -17.14 2.71 2.60
N VAL A 216 -18.05 2.79 3.58
CA VAL A 216 -19.07 3.81 3.52
C VAL A 216 -18.42 5.17 3.53
N ALA A 217 -17.51 5.38 4.48
CA ALA A 217 -16.86 6.66 4.59
C ALA A 217 -16.09 6.99 3.31
N ARG A 218 -15.31 6.05 2.82
CA ARG A 218 -14.53 6.29 1.61
C ARG A 218 -15.40 6.55 0.40
N LEU A 219 -16.47 5.79 0.21
CA LEU A 219 -17.29 6.00 -0.98
C LEU A 219 -18.15 7.23 -0.88
N SER A 220 -18.41 7.68 0.34
CA SER A 220 -19.24 8.86 0.50
C SER A 220 -18.45 10.12 0.17
N GLN A 221 -17.14 10.12 0.43
CA GLN A 221 -16.31 11.27 0.11
C GLN A 221 -16.19 11.28 -1.42
N ARG A 222 -16.01 10.08 -1.99
CA ARG A 222 -15.86 9.91 -3.42
C ARG A 222 -17.15 10.25 -4.18
N PHE A 223 -18.28 9.74 -3.71
CA PHE A 223 -19.54 9.99 -4.41
C PHE A 223 -20.54 10.68 -3.51
N PRO A 224 -20.28 11.95 -3.16
CA PRO A 224 -21.17 12.72 -2.30
C PRO A 224 -22.59 12.99 -2.81
N LYS A 225 -22.84 12.81 -4.11
CA LYS A 225 -24.17 13.05 -4.66
C LYS A 225 -25.06 11.80 -4.65
N ALA A 226 -24.47 10.63 -4.50
CA ALA A 226 -25.25 9.40 -4.48
C ALA A 226 -26.09 9.32 -3.20
N GLU A 227 -27.28 8.73 -3.31
CA GLU A 227 -28.14 8.58 -2.15
C GLU A 227 -27.51 7.51 -1.27
N PHE A 228 -27.83 7.54 0.03
CA PHE A 228 -27.27 6.58 0.97
C PHE A 228 -27.62 5.13 0.66
N ALA A 229 -28.75 4.93 -0.01
CA ALA A 229 -29.18 3.59 -0.36
C ALA A 229 -28.28 3.09 -1.48
N GLU A 230 -27.80 4.02 -2.29
CA GLU A 230 -26.92 3.65 -3.38
C GLU A 230 -25.55 3.27 -2.82
N VAL A 231 -25.03 4.09 -1.91
CA VAL A 231 -23.74 3.83 -1.30
C VAL A 231 -23.75 2.51 -0.53
N SER A 232 -24.87 2.22 0.15
CA SER A 232 -24.99 0.97 0.89
C SER A 232 -24.93 -0.21 -0.07
N LYS A 233 -25.61 -0.06 -1.20
CA LYS A 233 -25.63 -1.09 -2.22
C LYS A 233 -24.18 -1.42 -2.58
N LEU A 234 -23.44 -0.39 -2.96
CA LEU A 234 -22.04 -0.53 -3.34
C LEU A 234 -21.12 -1.09 -2.26
N VAL A 235 -21.36 -0.72 -1.00
CA VAL A 235 -20.52 -1.20 0.08
C VAL A 235 -20.74 -2.68 0.25
N THR A 236 -21.98 -3.12 0.02
CA THR A 236 -22.31 -4.52 0.11
C THR A 236 -21.55 -5.28 -0.97
N ASP A 237 -21.72 -4.85 -2.22
CA ASP A 237 -21.04 -5.52 -3.33
C ASP A 237 -19.52 -5.48 -3.22
N LEU A 238 -18.98 -4.36 -2.73
CA LEU A 238 -17.56 -4.24 -2.56
C LEU A 238 -17.07 -5.20 -1.49
N THR A 239 -17.89 -5.41 -0.48
CA THR A 239 -17.51 -6.33 0.58
C THR A 239 -17.43 -7.75 0.05
N LYS A 240 -18.41 -8.14 -0.76
CA LYS A 240 -18.40 -9.47 -1.33
C LYS A 240 -17.21 -9.58 -2.26
N VAL A 241 -17.03 -8.56 -3.09
CA VAL A 241 -15.93 -8.53 -4.05
C VAL A 241 -14.59 -8.77 -3.38
N HIS A 242 -14.29 -8.03 -2.33
CA HIS A 242 -13.00 -8.19 -1.67
C HIS A 242 -12.80 -9.47 -0.89
N THR A 243 -13.88 -9.99 -0.32
CA THR A 243 -13.77 -11.24 0.40
C THR A 243 -13.30 -12.27 -0.63
N GLU A 244 -13.99 -12.29 -1.77
CA GLU A 244 -13.66 -13.22 -2.85
C GLU A 244 -12.26 -12.95 -3.42
N CYS A 245 -11.89 -11.70 -3.60
CA CYS A 245 -10.57 -11.41 -4.14
C CYS A 245 -9.45 -11.74 -3.17
N CYS A 246 -9.74 -11.68 -1.88
CA CYS A 246 -8.74 -11.96 -0.85
C CYS A 246 -8.47 -13.45 -0.70
N HIS A 247 -9.53 -14.22 -0.89
CA HIS A 247 -9.45 -15.66 -0.80
C HIS A 247 -8.45 -16.13 -1.87
N GLY A 248 -8.25 -15.30 -2.89
CA GLY A 248 -7.28 -15.62 -3.92
C GLY A 248 -7.81 -16.21 -5.22
N ASP A 249 -9.10 -16.49 -5.30
CA ASP A 249 -9.68 -17.05 -6.52
C ASP A 249 -9.83 -15.97 -7.58
N LEU A 250 -8.84 -15.89 -8.47
CA LEU A 250 -8.82 -14.89 -9.54
C LEU A 250 -10.08 -14.75 -10.37
N LEU A 251 -10.64 -15.87 -10.82
CA LEU A 251 -11.84 -15.84 -11.65
C LEU A 251 -13.06 -15.21 -10.98
N GLU A 252 -13.45 -15.76 -9.83
CA GLU A 252 -14.60 -15.20 -9.10
C GLU A 252 -14.33 -13.71 -8.92
N CYS A 253 -13.15 -13.41 -8.38
CA CYS A 253 -12.74 -12.05 -8.13
C CYS A 253 -12.94 -11.12 -9.32
N ALA A 254 -12.46 -11.54 -10.49
CA ALA A 254 -12.57 -10.72 -11.69
C ALA A 254 -14.03 -10.50 -12.12
N ASP A 255 -14.87 -11.50 -11.98
CA ASP A 255 -16.26 -11.36 -12.38
C ASP A 255 -17.06 -10.44 -11.49
N ASP A 256 -16.82 -10.55 -10.19
CA ASP A 256 -17.52 -9.69 -9.27
C ASP A 256 -17.10 -8.25 -9.58
N ARG A 257 -15.81 -8.04 -9.81
CA ARG A 257 -15.32 -6.71 -10.13
C ARG A 257 -15.89 -6.22 -11.45
N ALA A 258 -16.02 -7.12 -12.41
CA ALA A 258 -16.57 -6.75 -13.71
C ALA A 258 -18.02 -6.32 -13.53
N ASP A 259 -18.81 -7.15 -12.86
CA ASP A 259 -20.20 -6.84 -12.64
C ASP A 259 -20.36 -5.48 -11.97
N LEU A 260 -19.62 -5.28 -10.89
CA LEU A 260 -19.67 -4.04 -10.15
C LEU A 260 -19.38 -2.85 -11.06
N ALA A 261 -18.33 -2.96 -11.85
CA ALA A 261 -17.95 -1.88 -12.75
C ALA A 261 -19.10 -1.58 -13.71
N LYS A 262 -19.72 -2.65 -14.20
CA LYS A 262 -20.83 -2.55 -15.13
C LYS A 262 -22.00 -1.86 -14.42
N TYR A 263 -22.31 -2.35 -13.22
CA TYR A 263 -23.39 -1.78 -12.45
C TYR A 263 -23.23 -0.28 -12.26
N ILE A 264 -22.04 0.12 -11.82
CA ILE A 264 -21.76 1.52 -11.57
C ILE A 264 -21.93 2.38 -12.80
N CYS A 265 -21.42 1.91 -13.94
CA CYS A 265 -21.51 2.66 -15.18
C CYS A 265 -22.95 2.86 -15.67
N GLU A 266 -23.79 1.85 -15.51
CA GLU A 266 -25.17 1.95 -15.92
C GLU A 266 -25.94 2.94 -15.05
N ASN A 267 -25.57 3.01 -13.77
CA ASN A 267 -26.22 3.91 -12.82
C ASN A 267 -25.33 5.11 -12.60
N GLN A 268 -24.39 5.28 -13.51
CA GLN A 268 -23.43 6.36 -13.49
C GLN A 268 -23.96 7.73 -13.11
N ASP A 269 -25.05 8.17 -13.73
CA ASP A 269 -25.62 9.49 -13.47
C ASP A 269 -26.22 9.59 -12.08
N SER A 270 -26.44 8.43 -11.46
CA SER A 270 -27.02 8.35 -10.11
C SER A 270 -25.93 8.14 -9.05
N ILE A 271 -24.67 8.20 -9.47
CA ILE A 271 -23.55 7.99 -8.55
C ILE A 271 -22.54 9.13 -8.52
N SER A 272 -21.96 9.45 -9.68
CA SER A 272 -20.97 10.53 -9.77
C SER A 272 -20.90 11.03 -11.19
N SER A 273 -20.41 12.24 -11.35
CA SER A 273 -20.29 12.84 -12.66
C SER A 273 -18.89 12.61 -13.22
N LYS A 274 -17.95 12.27 -12.35
CA LYS A 274 -16.58 12.06 -12.78
C LYS A 274 -16.26 10.63 -13.21
N LEU A 275 -17.27 9.91 -13.67
CA LEU A 275 -17.11 8.53 -14.11
C LEU A 275 -17.21 8.35 -15.63
N LYS A 276 -17.44 9.43 -16.37
CA LYS A 276 -17.57 9.34 -17.83
C LYS A 276 -16.39 8.58 -18.42
N GLU A 277 -15.19 9.16 -18.27
CA GLU A 277 -13.96 8.56 -18.77
C GLU A 277 -13.92 7.06 -18.52
N CYS A 278 -13.76 6.70 -17.25
CA CYS A 278 -13.71 5.32 -16.79
C CYS A 278 -14.73 4.39 -17.40
N CYS A 279 -15.95 4.87 -17.56
CA CYS A 279 -17.00 4.02 -18.07
C CYS A 279 -16.97 3.80 -19.57
N GLU A 280 -16.07 4.54 -20.20
CA GLU A 280 -15.86 4.44 -21.63
C GLU A 280 -14.86 3.29 -21.79
N LYS A 281 -13.71 3.43 -21.13
CA LYS A 281 -12.62 2.45 -21.18
C LYS A 281 -13.01 0.98 -21.33
N PRO A 282 -12.06 0.14 -21.81
CA PRO A 282 -12.25 -1.30 -22.03
C PRO A 282 -12.34 -2.18 -20.78
N LEU A 283 -13.19 -3.19 -20.86
CA LEU A 283 -13.42 -4.15 -19.78
C LEU A 283 -12.29 -4.27 -18.76
N LEU A 284 -11.12 -4.63 -19.26
CA LEU A 284 -9.97 -4.82 -18.42
C LEU A 284 -9.59 -3.64 -17.53
N GLU A 285 -10.03 -2.44 -17.86
CA GLU A 285 -9.66 -1.26 -17.09
C GLU A 285 -10.75 -0.52 -16.33
N LYS A 286 -12.02 -0.82 -16.60
CA LYS A 286 -13.11 -0.12 -15.92
C LYS A 286 -12.98 -0.01 -14.40
N SER A 287 -12.99 -1.18 -13.75
CA SER A 287 -12.89 -1.26 -12.29
C SER A 287 -11.63 -0.57 -11.73
N HIS A 288 -10.50 -0.77 -12.39
CA HIS A 288 -9.26 -0.15 -11.92
C HIS A 288 -9.39 1.36 -11.99
N CYS A 289 -9.97 1.84 -13.08
CA CYS A 289 -10.15 3.27 -13.29
C CYS A 289 -11.09 3.81 -12.21
N ILE A 290 -12.22 3.13 -12.06
CA ILE A 290 -13.21 3.49 -11.10
C ILE A 290 -12.66 3.55 -9.67
N ALA A 291 -11.88 2.54 -9.29
CA ALA A 291 -11.33 2.49 -7.95
C ALA A 291 -10.47 3.70 -7.65
N GLU A 292 -9.92 4.28 -8.70
CA GLU A 292 -9.01 5.41 -8.56
C GLU A 292 -9.58 6.79 -8.92
N VAL A 293 -10.82 6.81 -9.41
CA VAL A 293 -11.46 8.05 -9.81
C VAL A 293 -11.35 9.13 -8.76
N GLU A 294 -11.37 10.38 -9.19
CA GLU A 294 -11.29 11.53 -8.31
C GLU A 294 -12.64 11.78 -7.64
N ASN A 295 -12.63 12.42 -6.47
CA ASN A 295 -13.86 12.70 -5.76
C ASN A 295 -14.77 13.61 -6.56
N ASP A 296 -16.07 13.30 -6.61
CA ASP A 296 -16.99 14.14 -7.34
C ASP A 296 -17.19 15.41 -6.51
N GLU A 297 -17.91 16.38 -7.06
CA GLU A 297 -18.12 17.59 -6.30
C GLU A 297 -19.37 17.46 -5.45
N MET A 298 -19.25 17.90 -4.20
CA MET A 298 -20.35 17.79 -3.24
C MET A 298 -21.38 18.89 -3.40
N PRO A 299 -22.66 18.55 -3.18
CA PRO A 299 -23.73 19.55 -3.29
C PRO A 299 -23.45 20.71 -2.34
N ALA A 300 -23.53 21.94 -2.85
CA ALA A 300 -23.28 23.13 -2.03
C ALA A 300 -24.49 23.47 -1.18
N ASP A 301 -25.60 22.81 -1.49
CA ASP A 301 -26.87 23.00 -0.80
C ASP A 301 -27.08 21.88 0.22
N LEU A 302 -26.13 21.71 1.14
CA LEU A 302 -26.26 20.64 2.13
C LEU A 302 -26.55 21.06 3.55
N PRO A 303 -27.62 20.49 4.12
CA PRO A 303 -28.11 20.72 5.48
C PRO A 303 -27.03 20.57 6.54
N SER A 304 -27.37 20.96 7.76
CA SER A 304 -26.45 20.85 8.88
C SER A 304 -26.71 19.49 9.52
N LEU A 305 -25.64 18.74 9.75
CA LEU A 305 -25.75 17.41 10.36
C LEU A 305 -26.55 17.40 11.64
N ALA A 306 -26.26 18.36 12.52
CA ALA A 306 -26.92 18.47 13.82
C ALA A 306 -28.44 18.43 13.76
N ALA A 307 -28.97 18.62 12.57
CA ALA A 307 -30.42 18.60 12.39
C ALA A 307 -30.95 17.20 12.66
N ASP A 308 -30.48 16.21 11.89
CA ASP A 308 -30.92 14.84 12.04
C ASP A 308 -30.11 14.09 13.08
N PHE A 309 -28.94 14.61 13.43
CA PHE A 309 -28.09 13.89 14.37
C PHE A 309 -27.87 14.44 15.77
N VAL A 310 -28.23 15.69 16.02
CA VAL A 310 -28.02 16.25 17.36
C VAL A 310 -29.29 16.77 17.98
N GLU A 311 -29.96 17.64 17.23
CA GLU A 311 -31.19 18.24 17.71
C GLU A 311 -32.36 17.27 17.60
N SER A 312 -32.91 17.12 16.39
CA SER A 312 -34.03 16.21 16.17
C SER A 312 -34.31 15.29 17.36
N LYS A 313 -35.41 15.55 18.06
CA LYS A 313 -35.76 14.70 19.20
C LYS A 313 -36.04 13.35 18.56
N ASP A 314 -35.87 12.27 19.32
CA ASP A 314 -36.10 10.94 18.80
C ASP A 314 -34.94 10.44 17.88
N VAL A 315 -33.71 10.74 18.29
CA VAL A 315 -32.52 10.32 17.56
C VAL A 315 -32.32 8.86 17.95
N CYS A 316 -32.62 8.55 19.20
CA CYS A 316 -32.52 7.21 19.74
C CYS A 316 -33.54 6.28 19.10
N LYS A 317 -34.76 6.78 18.92
CA LYS A 317 -35.80 5.98 18.32
C LYS A 317 -35.30 5.46 16.96
N ASN A 318 -34.71 6.35 16.17
CA ASN A 318 -34.19 5.97 14.86
C ASN A 318 -32.95 5.10 14.99
N TYR A 319 -32.15 5.39 16.00
CA TYR A 319 -30.93 4.63 16.23
C TYR A 319 -31.21 3.21 16.75
N ALA A 320 -32.08 3.08 17.74
CA ALA A 320 -32.40 1.76 18.31
C ALA A 320 -33.08 0.88 17.26
N GLU A 321 -33.83 1.53 16.39
CA GLU A 321 -34.55 0.85 15.32
C GLU A 321 -33.62 0.10 14.37
N ALA A 322 -32.37 0.56 14.26
CA ALA A 322 -31.37 -0.05 13.38
C ALA A 322 -30.07 0.70 13.60
N LYS A 323 -29.32 0.27 14.60
CA LYS A 323 -28.07 0.94 14.94
C LYS A 323 -27.05 1.13 13.83
N ASP A 324 -26.74 0.07 13.10
CA ASP A 324 -25.75 0.21 12.05
C ASP A 324 -26.17 1.09 10.92
N VAL A 325 -27.42 0.99 10.51
CA VAL A 325 -27.89 1.83 9.42
C VAL A 325 -27.80 3.29 9.82
N PHE A 326 -28.32 3.60 10.99
CA PHE A 326 -28.28 4.96 11.49
C PHE A 326 -26.83 5.44 11.56
N LEU A 327 -25.94 4.64 12.15
CA LEU A 327 -24.54 5.02 12.22
C LEU A 327 -23.95 5.16 10.81
N GLY A 328 -24.44 4.33 9.90
CA GLY A 328 -23.95 4.37 8.54
C GLY A 328 -24.34 5.68 7.92
N MET A 329 -25.59 6.09 8.11
CA MET A 329 -26.06 7.35 7.55
C MET A 329 -25.25 8.50 8.13
N PHE A 330 -24.91 8.40 9.40
CA PHE A 330 -24.13 9.43 10.04
C PHE A 330 -22.78 9.55 9.32
N LEU A 331 -22.18 8.40 9.02
CA LEU A 331 -20.90 8.34 8.33
C LEU A 331 -21.03 8.92 6.93
N TYR A 332 -22.07 8.49 6.24
CA TYR A 332 -22.30 8.93 4.89
C TYR A 332 -22.41 10.46 4.91
N GLU A 333 -23.32 10.96 5.73
CA GLU A 333 -23.54 12.39 5.82
C GLU A 333 -22.26 13.12 6.23
N TYR A 334 -21.51 12.54 7.16
CA TYR A 334 -20.31 13.21 7.58
C TYR A 334 -19.16 13.15 6.57
N ALA A 335 -19.01 12.02 5.89
CA ALA A 335 -17.91 11.84 4.93
C ALA A 335 -18.05 12.62 3.64
N ARG A 336 -19.25 12.65 3.09
CA ARG A 336 -19.45 13.37 1.83
C ARG A 336 -19.31 14.88 1.99
N ARG A 337 -19.27 15.34 3.24
CA ARG A 337 -19.10 16.76 3.49
C ARG A 337 -17.64 17.00 3.82
N HIS A 338 -16.90 15.93 4.01
CA HIS A 338 -15.49 16.04 4.35
C HIS A 338 -14.51 15.15 3.57
N PRO A 339 -14.35 15.43 2.28
CA PRO A 339 -13.42 14.62 1.49
C PRO A 339 -12.01 14.97 1.93
N ASP A 340 -11.89 16.02 2.75
CA ASP A 340 -10.60 16.47 3.26
C ASP A 340 -10.15 15.76 4.54
N TYR A 341 -11.04 14.96 5.10
CA TYR A 341 -10.71 14.19 6.29
C TYR A 341 -10.15 12.84 5.86
N SER A 342 -9.37 12.20 6.74
CA SER A 342 -8.85 10.88 6.44
C SER A 342 -10.02 9.95 6.80
N VAL A 343 -10.09 8.76 6.20
CA VAL A 343 -11.18 7.84 6.51
C VAL A 343 -11.20 7.45 7.99
N VAL A 344 -10.03 7.19 8.56
CA VAL A 344 -9.95 6.80 9.96
C VAL A 344 -10.47 7.88 10.92
N LEU A 345 -10.27 9.14 10.57
CA LEU A 345 -10.77 10.23 11.40
C LEU A 345 -12.28 10.16 11.38
N LEU A 346 -12.84 9.92 10.20
CA LEU A 346 -14.29 9.82 10.04
C LEU A 346 -14.78 8.62 10.85
N LEU A 347 -13.94 7.58 10.94
CA LEU A 347 -14.31 6.40 11.69
C LEU A 347 -14.28 6.71 13.17
N ARG A 348 -13.28 7.49 13.56
CA ARG A 348 -13.15 7.90 14.96
C ARG A 348 -14.35 8.73 15.40
N LEU A 349 -14.82 9.63 14.54
CA LEU A 349 -15.97 10.46 14.89
C LEU A 349 -17.17 9.54 15.08
N ALA A 350 -17.46 8.74 14.07
CA ALA A 350 -18.59 7.81 14.13
C ALA A 350 -18.48 6.92 15.38
N LYS A 351 -17.27 6.52 15.74
CA LYS A 351 -17.07 5.67 16.92
C LYS A 351 -17.51 6.46 18.15
N THR A 352 -16.97 7.68 18.27
CA THR A 352 -17.27 8.59 19.37
C THR A 352 -18.79 8.79 19.48
N TYR A 353 -19.44 9.02 18.33
CA TYR A 353 -20.87 9.22 18.28
C TYR A 353 -21.62 7.98 18.80
N GLU A 354 -21.18 6.81 18.35
CA GLU A 354 -21.80 5.55 18.77
C GLU A 354 -21.74 5.38 20.29
N THR A 355 -20.56 5.61 20.85
CA THR A 355 -20.35 5.52 22.28
C THR A 355 -21.29 6.49 22.99
N THR A 356 -21.46 7.68 22.42
CA THR A 356 -22.34 8.65 23.02
C THR A 356 -23.80 8.20 22.93
N LEU A 357 -24.26 7.75 21.75
CA LEU A 357 -25.63 7.30 21.64
C LEU A 357 -25.93 6.15 22.59
N GLU A 358 -24.92 5.30 22.82
CA GLU A 358 -25.08 4.16 23.72
C GLU A 358 -25.16 4.61 25.18
N LYS A 359 -24.36 5.61 25.54
CA LYS A 359 -24.32 6.15 26.90
C LYS A 359 -25.16 7.42 26.97
N CYS A 360 -26.31 7.43 26.33
CA CYS A 360 -27.17 8.61 26.32
C CYS A 360 -28.61 8.25 26.03
N CYS A 361 -28.80 7.26 25.17
CA CYS A 361 -30.15 6.85 24.84
C CYS A 361 -30.79 6.10 25.97
N ALA A 362 -29.97 5.77 26.96
CA ALA A 362 -30.42 5.07 28.15
C ALA A 362 -30.26 6.04 29.32
N ALA A 363 -30.78 7.25 29.12
CA ALA A 363 -30.72 8.29 30.13
C ALA A 363 -32.07 8.98 30.22
N ALA A 364 -32.28 9.75 31.28
CA ALA A 364 -33.53 10.46 31.48
C ALA A 364 -33.88 11.31 30.27
N ASP A 365 -33.19 12.44 30.14
CA ASP A 365 -33.40 13.35 29.03
C ASP A 365 -32.27 13.17 28.03
N PRO A 366 -32.46 12.26 27.05
CA PRO A 366 -31.47 11.97 26.01
C PRO A 366 -30.99 13.21 25.25
N HIS A 367 -31.92 13.90 24.62
CA HIS A 367 -31.63 15.11 23.83
C HIS A 367 -30.64 16.04 24.49
N GLU A 368 -30.52 15.99 25.81
CA GLU A 368 -29.59 16.86 26.51
C GLU A 368 -28.29 16.17 26.86
N CYS A 369 -28.33 14.85 26.89
CA CYS A 369 -27.15 14.04 27.20
C CYS A 369 -26.16 14.14 26.05
N TYR A 370 -26.68 14.00 24.83
CA TYR A 370 -25.86 14.04 23.64
C TYR A 370 -25.93 15.35 22.88
N ALA A 371 -26.49 16.38 23.52
CA ALA A 371 -26.61 17.69 22.88
C ALA A 371 -25.24 18.21 22.45
N LYS A 372 -24.23 17.95 23.28
CA LYS A 372 -22.87 18.39 22.98
C LYS A 372 -22.39 17.66 21.72
N VAL A 373 -21.87 16.46 21.93
CA VAL A 373 -21.36 15.59 20.86
C VAL A 373 -20.43 16.24 19.84
N PHE A 374 -20.98 17.06 18.95
CA PHE A 374 -20.13 17.71 17.96
C PHE A 374 -18.94 18.45 18.57
N ASP A 375 -18.97 18.67 19.88
CA ASP A 375 -17.87 19.33 20.58
C ASP A 375 -16.83 18.28 20.92
N GLU A 376 -17.22 17.01 20.82
CA GLU A 376 -16.34 15.89 21.09
C GLU A 376 -15.39 15.73 19.93
N PHE A 377 -15.91 16.00 18.73
CA PHE A 377 -15.17 15.87 17.49
C PHE A 377 -14.01 16.84 17.32
N LYS A 378 -14.25 18.11 17.62
CA LYS A 378 -13.23 19.16 17.47
C LYS A 378 -11.81 18.72 17.80
N PRO A 379 -11.57 18.20 19.02
CA PRO A 379 -10.20 17.78 19.32
C PRO A 379 -9.72 16.56 18.52
N LEU A 380 -10.65 15.73 18.06
CA LEU A 380 -10.30 14.54 17.26
C LEU A 380 -9.86 14.99 15.88
N VAL A 381 -10.57 15.96 15.33
CA VAL A 381 -10.28 16.49 14.01
C VAL A 381 -8.97 17.28 13.99
N GLU A 382 -8.74 18.07 15.03
CA GLU A 382 -7.57 18.92 15.13
C GLU A 382 -6.24 18.22 15.33
N GLU A 383 -6.25 17.11 16.04
CA GLU A 383 -5.04 16.36 16.29
C GLU A 383 -4.34 16.02 14.98
N PRO A 384 -5.03 15.35 14.06
CA PRO A 384 -4.37 15.03 12.79
C PRO A 384 -4.02 16.26 11.94
N GLN A 385 -4.85 17.28 11.97
CA GLN A 385 -4.56 18.50 11.21
C GLN A 385 -3.30 19.20 11.70
N ASN A 386 -3.15 19.30 13.02
CA ASN A 386 -1.97 19.94 13.56
C ASN A 386 -0.71 19.17 13.20
N LEU A 387 -0.75 17.85 13.30
CA LEU A 387 0.43 17.06 12.94
C LEU A 387 0.85 17.32 11.50
N ILE A 388 -0.13 17.51 10.61
CA ILE A 388 0.14 17.77 9.20
C ILE A 388 0.81 19.12 8.97
N LYS A 389 0.25 20.18 9.55
CA LYS A 389 0.81 21.52 9.39
C LYS A 389 2.21 21.56 10.00
N GLN A 390 2.31 21.13 11.26
CA GLN A 390 3.58 21.11 11.97
C GLN A 390 4.66 20.33 11.24
N ASN A 391 4.32 19.17 10.70
CA ASN A 391 5.30 18.37 9.99
C ASN A 391 5.59 18.87 8.58
N CYS A 392 4.59 19.44 7.92
CA CYS A 392 4.84 19.94 6.58
C CYS A 392 5.65 21.22 6.61
N GLU A 393 5.52 21.98 7.70
CA GLU A 393 6.28 23.22 7.83
C GLU A 393 7.76 22.86 8.00
N LEU A 394 8.03 21.90 8.88
CA LEU A 394 9.39 21.45 9.13
C LEU A 394 10.01 20.95 7.82
N PHE A 395 9.24 20.19 7.05
CA PHE A 395 9.71 19.66 5.78
C PHE A 395 10.01 20.77 4.78
N GLU A 396 9.27 21.87 4.87
CA GLU A 396 9.48 23.00 3.97
C GLU A 396 10.83 23.65 4.25
N GLN A 397 11.09 23.94 5.52
CA GLN A 397 12.35 24.56 5.94
C GLN A 397 13.49 23.65 5.51
N LEU A 398 13.71 22.56 6.25
CA LEU A 398 14.75 21.60 5.92
C LEU A 398 14.31 20.96 4.63
N GLY A 399 15.11 20.07 4.07
CA GLY A 399 14.71 19.43 2.84
C GLY A 399 14.31 18.00 3.19
N GLU A 400 13.90 17.22 2.20
CA GLU A 400 13.52 15.84 2.47
C GLU A 400 14.57 15.21 3.37
N TYR A 401 15.81 15.18 2.86
CA TYR A 401 16.95 14.61 3.57
C TYR A 401 17.10 15.07 5.02
N LYS A 402 17.21 16.37 5.24
CA LYS A 402 17.37 16.88 6.60
C LYS A 402 16.11 16.63 7.43
N PHE A 403 14.98 16.52 6.73
CA PHE A 403 13.72 16.24 7.39
C PHE A 403 13.76 14.79 7.85
N GLN A 404 14.35 13.92 7.04
CA GLN A 404 14.46 12.53 7.42
C GLN A 404 15.35 12.38 8.65
N ASN A 405 16.37 13.21 8.72
CA ASN A 405 17.28 13.16 9.85
C ASN A 405 16.59 13.57 11.13
N ALA A 406 15.64 14.50 11.00
CA ALA A 406 14.90 14.99 12.14
C ALA A 406 14.00 13.87 12.66
N LEU A 407 13.34 13.15 11.75
CA LEU A 407 12.47 12.04 12.13
C LEU A 407 13.33 10.96 12.77
N LEU A 408 14.50 10.76 12.18
CA LEU A 408 15.45 9.78 12.65
C LEU A 408 15.75 10.00 14.13
N VAL A 409 16.07 11.24 14.49
CA VAL A 409 16.38 11.54 15.88
C VAL A 409 15.13 11.33 16.74
N ARG A 410 14.03 11.87 16.26
CA ARG A 410 12.74 11.77 16.94
C ARG A 410 12.27 10.36 17.27
N TYR A 411 12.42 9.43 16.34
CA TYR A 411 11.97 8.06 16.59
C TYR A 411 12.98 7.17 17.27
N THR A 412 14.26 7.49 17.12
CA THR A 412 15.27 6.67 17.78
C THR A 412 15.12 6.87 19.29
N LYS A 413 14.76 8.09 19.69
CA LYS A 413 14.58 8.42 21.10
C LYS A 413 13.30 7.82 21.68
N LYS A 414 12.31 7.56 20.83
CA LYS A 414 11.05 7.01 21.29
C LYS A 414 11.14 5.50 21.45
N VAL A 415 11.87 4.85 20.56
CA VAL A 415 12.02 3.39 20.59
C VAL A 415 13.45 3.04 20.20
N PRO A 416 14.39 3.30 21.11
CA PRO A 416 15.82 3.03 20.93
C PRO A 416 16.11 1.55 20.75
N GLN A 417 15.20 0.72 21.23
CA GLN A 417 15.33 -0.73 21.16
C GLN A 417 15.30 -1.24 19.72
N VAL A 418 14.72 -0.48 18.82
CA VAL A 418 14.62 -0.92 17.44
C VAL A 418 15.92 -0.95 16.69
N SER A 419 15.98 -1.88 15.75
CA SER A 419 17.13 -2.09 14.89
C SER A 419 17.44 -0.81 14.11
N THR A 420 18.72 -0.45 14.10
CA THR A 420 19.17 0.76 13.41
C THR A 420 18.73 0.78 11.95
N PRO A 421 19.00 -0.29 11.20
CA PRO A 421 18.58 -0.27 9.79
C PRO A 421 17.07 -0.16 9.61
N THR A 422 16.32 -0.66 10.58
CA THR A 422 14.85 -0.59 10.52
C THR A 422 14.44 0.87 10.70
N LEU A 423 15.04 1.52 11.69
CA LEU A 423 14.78 2.92 11.98
C LEU A 423 15.12 3.78 10.78
N VAL A 424 16.25 3.49 10.16
CA VAL A 424 16.70 4.25 8.99
C VAL A 424 15.71 4.17 7.83
N GLU A 425 15.23 2.97 7.53
CA GLU A 425 14.29 2.77 6.44
C GLU A 425 12.95 3.46 6.74
N VAL A 426 12.38 3.12 7.89
CA VAL A 426 11.11 3.68 8.32
C VAL A 426 11.15 5.20 8.30
N SER A 427 12.21 5.79 8.82
CA SER A 427 12.33 7.25 8.84
C SER A 427 12.46 7.79 7.43
N ARG A 428 13.06 7.02 6.54
CA ARG A 428 13.21 7.47 5.18
C ARG A 428 11.86 7.44 4.46
N ASN A 429 11.13 6.34 4.58
CA ASN A 429 9.85 6.25 3.92
C ASN A 429 8.90 7.30 4.48
N LEU A 430 9.00 7.53 5.78
CA LEU A 430 8.18 8.52 6.45
C LEU A 430 8.48 9.88 5.83
N GLY A 431 9.75 10.09 5.51
CA GLY A 431 10.18 11.33 4.90
C GLY A 431 9.58 11.54 3.53
N LYS A 432 9.50 10.45 2.75
CA LYS A 432 8.93 10.51 1.42
C LYS A 432 7.46 10.91 1.51
N VAL A 433 6.76 10.35 2.50
CA VAL A 433 5.35 10.67 2.68
C VAL A 433 5.22 12.19 2.83
N GLY A 434 6.23 12.78 3.46
CA GLY A 434 6.23 14.22 3.66
C GLY A 434 6.43 15.00 2.37
N SER A 435 7.40 14.59 1.57
CA SER A 435 7.68 15.27 0.31
C SER A 435 6.60 15.01 -0.73
N LYS A 436 5.79 13.98 -0.51
CA LYS A 436 4.75 13.64 -1.46
C LYS A 436 3.45 14.36 -1.14
N CYS A 437 3.07 14.35 0.13
CA CYS A 437 1.83 14.94 0.57
C CYS A 437 1.85 16.42 0.87
N CYS A 438 2.99 16.93 1.32
CA CYS A 438 3.07 18.36 1.65
C CYS A 438 2.98 19.23 0.41
N LYS A 439 3.13 18.63 -0.76
CA LYS A 439 3.06 19.42 -1.98
C LYS A 439 1.62 19.66 -2.40
N HIS A 440 0.68 19.06 -1.68
CA HIS A 440 -0.73 19.25 -2.00
C HIS A 440 -1.32 20.34 -1.14
N PRO A 441 -2.49 20.87 -1.53
CA PRO A 441 -3.10 21.92 -0.72
C PRO A 441 -3.74 21.21 0.48
N GLU A 442 -3.81 21.89 1.62
CA GLU A 442 -4.39 21.31 2.83
C GLU A 442 -5.57 20.35 2.64
N ALA A 443 -6.49 20.69 1.74
CA ALA A 443 -7.67 19.86 1.53
C ALA A 443 -7.39 18.43 1.09
N LYS A 444 -6.19 18.15 0.59
CA LYS A 444 -5.89 16.79 0.16
C LYS A 444 -4.77 16.18 0.97
N ARG A 445 -4.24 16.95 1.90
CA ARG A 445 -3.14 16.48 2.71
C ARG A 445 -3.42 15.27 3.58
N MET A 446 -4.48 15.35 4.38
CA MET A 446 -4.80 14.23 5.27
C MET A 446 -5.10 12.92 4.57
N PRO A 447 -5.93 12.96 3.50
CA PRO A 447 -6.22 11.70 2.80
C PRO A 447 -4.91 11.13 2.25
N CYS A 448 -4.06 12.02 1.78
CA CYS A 448 -2.76 11.63 1.23
C CYS A 448 -1.89 10.96 2.30
N ALA A 449 -1.70 11.63 3.42
CA ALA A 449 -0.90 11.07 4.51
C ALA A 449 -1.45 9.71 4.93
N GLU A 450 -2.74 9.66 5.18
CA GLU A 450 -3.37 8.42 5.60
C GLU A 450 -3.01 7.27 4.68
N ASP A 451 -3.23 7.50 3.39
CA ASP A 451 -2.96 6.50 2.39
C ASP A 451 -1.53 5.96 2.46
N TYR A 452 -0.53 6.83 2.37
CA TYR A 452 0.86 6.37 2.42
C TYR A 452 1.26 5.84 3.79
N LEU A 453 0.81 6.52 4.83
CA LEU A 453 1.15 6.13 6.18
C LEU A 453 0.63 4.75 6.54
N SER A 454 -0.50 4.36 5.96
CA SER A 454 -1.07 3.05 6.25
C SER A 454 -0.14 1.90 5.81
N VAL A 455 0.48 2.01 4.65
CA VAL A 455 1.37 0.95 4.21
C VAL A 455 2.60 0.97 5.10
N VAL A 456 3.21 2.15 5.22
CA VAL A 456 4.41 2.34 6.03
C VAL A 456 4.25 1.78 7.44
N LEU A 457 3.11 2.06 8.07
CA LEU A 457 2.87 1.59 9.41
C LEU A 457 2.66 0.10 9.43
N ASN A 458 1.94 -0.39 8.44
CA ASN A 458 1.68 -1.81 8.32
C ASN A 458 3.00 -2.56 8.21
N GLN A 459 3.82 -2.15 7.24
CA GLN A 459 5.11 -2.77 7.05
C GLN A 459 5.93 -2.70 8.33
N LEU A 460 5.90 -1.54 8.98
CA LEU A 460 6.63 -1.38 10.22
C LEU A 460 6.21 -2.51 11.15
N CYS A 461 4.90 -2.62 11.35
CA CYS A 461 4.34 -3.65 12.21
C CYS A 461 4.72 -5.07 11.83
N VAL A 462 4.63 -5.38 10.54
CA VAL A 462 4.98 -6.70 10.06
C VAL A 462 6.41 -7.06 10.48
N LEU A 463 7.37 -6.18 10.16
CA LEU A 463 8.77 -6.40 10.52
C LEU A 463 8.88 -6.65 12.01
N HIS A 464 8.01 -6.02 12.78
CA HIS A 464 8.04 -6.16 14.22
C HIS A 464 7.33 -7.42 14.69
N GLU A 465 6.39 -7.90 13.89
CA GLU A 465 5.67 -9.11 14.24
C GLU A 465 6.70 -10.24 14.34
N LYS A 466 7.58 -10.31 13.35
CA LYS A 466 8.62 -11.32 13.32
C LYS A 466 9.64 -11.17 14.43
N THR A 467 10.33 -10.04 14.48
CA THR A 467 11.33 -9.80 15.51
C THR A 467 10.92 -8.74 16.53
N PRO A 468 10.01 -9.08 17.46
CA PRO A 468 9.52 -8.17 18.50
C PRO A 468 10.65 -7.55 19.32
N VAL A 469 10.49 -6.30 19.70
CA VAL A 469 11.51 -5.60 20.47
C VAL A 469 10.89 -4.69 21.51
N SER A 470 9.74 -4.12 21.19
CA SER A 470 9.09 -3.24 22.15
C SER A 470 7.63 -3.59 22.33
N ASP A 471 7.19 -3.58 23.58
CA ASP A 471 5.80 -3.87 23.91
C ASP A 471 4.94 -2.74 23.34
N ARG A 472 5.42 -1.51 23.52
CA ARG A 472 4.71 -0.34 23.04
C ARG A 472 4.42 -0.40 21.55
N VAL A 473 5.38 -0.88 20.77
CA VAL A 473 5.20 -1.01 19.33
C VAL A 473 4.15 -2.06 19.05
N THR A 474 4.27 -3.18 19.76
CA THR A 474 3.34 -4.28 19.62
C THR A 474 1.95 -3.80 20.03
N LYS A 475 1.92 -2.96 21.07
CA LYS A 475 0.67 -2.39 21.56
C LYS A 475 -0.03 -1.64 20.43
N CYS A 476 0.71 -0.71 19.84
CA CYS A 476 0.18 0.09 18.76
C CYS A 476 -0.21 -0.75 17.56
N CYS A 477 0.67 -1.67 17.20
CA CYS A 477 0.45 -2.55 16.06
C CYS A 477 -0.77 -3.45 16.18
N THR A 478 -1.12 -3.86 17.39
CA THR A 478 -2.27 -4.74 17.60
C THR A 478 -3.50 -3.96 18.02
N GLU A 479 -3.37 -2.64 18.07
CA GLU A 479 -4.49 -1.79 18.46
C GLU A 479 -5.53 -1.82 17.34
N SER A 480 -6.71 -1.25 17.59
CA SER A 480 -7.74 -1.22 16.55
C SER A 480 -7.23 -0.32 15.42
N LEU A 481 -7.59 -0.65 14.19
CA LEU A 481 -7.15 0.13 13.04
C LEU A 481 -7.34 1.63 13.24
N VAL A 482 -8.40 2.01 13.95
CA VAL A 482 -8.71 3.40 14.20
C VAL A 482 -7.77 4.06 15.23
N ASN A 483 -7.07 3.28 16.04
CA ASN A 483 -6.17 3.86 17.02
C ASN A 483 -4.71 3.65 16.65
N ARG A 484 -4.46 2.91 15.58
CA ARG A 484 -3.08 2.62 15.19
C ARG A 484 -2.13 3.81 15.14
N ARG A 485 -2.42 4.77 14.27
CA ARG A 485 -1.56 5.94 14.14
C ARG A 485 -1.59 6.85 15.38
N PRO A 486 -2.76 7.07 15.99
CA PRO A 486 -2.75 7.94 17.18
C PRO A 486 -1.87 7.29 18.28
N CYS A 487 -1.87 5.96 18.32
CA CYS A 487 -1.06 5.22 19.30
C CYS A 487 0.43 5.51 19.11
N PHE A 488 0.88 5.48 17.86
CA PHE A 488 2.29 5.74 17.53
C PHE A 488 2.64 7.21 17.77
N SER A 489 1.68 8.10 17.51
CA SER A 489 1.89 9.52 17.72
C SER A 489 2.02 9.79 19.21
N ALA A 490 1.37 8.96 20.02
CA ALA A 490 1.38 9.10 21.47
C ALA A 490 2.63 8.58 22.18
N LEU A 491 3.56 7.97 21.44
CA LEU A 491 4.78 7.46 22.07
C LEU A 491 5.66 8.61 22.56
N GLU A 492 6.29 8.43 23.71
CA GLU A 492 7.16 9.46 24.24
C GLU A 492 8.57 8.94 24.38
N VAL A 493 9.50 9.84 24.70
CA VAL A 493 10.89 9.45 24.86
C VAL A 493 10.98 8.30 25.86
N ASP A 494 11.87 7.36 25.56
CA ASP A 494 12.06 6.19 26.41
C ASP A 494 13.02 6.55 27.54
N GLU A 495 12.48 6.79 28.73
CA GLU A 495 13.29 7.15 29.90
C GLU A 495 14.05 5.94 30.39
N THR A 496 13.50 4.77 30.10
CA THR A 496 14.07 3.49 30.49
C THR A 496 15.42 3.23 29.83
N TYR A 497 15.37 3.07 28.51
CA TYR A 497 16.55 2.76 27.70
C TYR A 497 17.92 3.06 28.28
N VAL A 498 18.76 2.03 28.28
CA VAL A 498 20.13 2.18 28.74
C VAL A 498 20.98 2.28 27.48
N PRO A 499 21.63 3.44 27.29
CA PRO A 499 22.47 3.73 26.13
C PRO A 499 23.57 2.72 25.83
N LYS A 500 23.71 2.39 24.54
CA LYS A 500 24.75 1.46 24.12
C LYS A 500 26.06 2.17 24.42
N GLU A 501 27.02 1.47 25.04
CA GLU A 501 28.30 2.11 25.34
C GLU A 501 29.05 2.36 24.02
N PHE A 502 29.98 3.30 24.04
CA PHE A 502 30.73 3.67 22.85
C PHE A 502 31.41 2.54 22.09
N ASN A 503 31.39 2.64 20.77
CA ASN A 503 32.02 1.65 19.90
C ASN A 503 32.85 2.39 18.85
N ALA A 504 34.17 2.27 18.96
CA ALA A 504 35.10 2.93 18.03
C ALA A 504 34.71 2.68 16.58
N GLU A 505 34.46 1.42 16.24
CA GLU A 505 34.07 1.05 14.88
C GLU A 505 32.93 1.93 14.38
N THR A 506 31.74 1.68 14.90
CA THR A 506 30.53 2.42 14.53
C THR A 506 30.74 3.86 14.07
N PHE A 507 31.70 4.55 14.66
CA PHE A 507 31.94 5.93 14.29
C PHE A 507 33.26 6.21 13.57
N THR A 508 33.66 5.27 12.72
CA THR A 508 34.91 5.43 11.97
C THR A 508 34.56 5.52 10.48
N PHE A 509 35.24 6.41 9.76
CA PHE A 509 34.96 6.58 8.34
C PHE A 509 36.16 6.63 7.41
N HIS A 510 35.98 6.07 6.21
CA HIS A 510 37.02 6.04 5.20
C HIS A 510 36.53 6.76 3.95
N ALA A 511 37.42 6.95 2.99
CA ALA A 511 37.07 7.64 1.74
C ALA A 511 35.97 6.94 0.95
N ASP A 512 35.52 5.78 1.44
CA ASP A 512 34.47 5.03 0.76
C ASP A 512 33.29 5.93 0.48
N ILE A 513 33.00 6.79 1.46
CA ILE A 513 31.88 7.71 1.37
C ILE A 513 32.08 8.83 0.36
N CYS A 514 33.29 8.95 -0.17
CA CYS A 514 33.55 9.99 -1.15
C CYS A 514 33.15 9.44 -2.51
N THR A 515 33.38 8.15 -2.69
CA THR A 515 33.08 7.47 -3.95
C THR A 515 31.66 6.92 -4.04
N LEU A 516 30.98 6.81 -2.89
CA LEU A 516 29.62 6.30 -2.86
C LEU A 516 28.63 7.34 -3.37
N SER A 517 27.51 6.88 -3.91
CA SER A 517 26.49 7.78 -4.43
C SER A 517 25.58 8.30 -3.31
N GLU A 518 24.94 9.43 -3.57
CA GLU A 518 24.03 10.06 -2.63
C GLU A 518 23.27 9.09 -1.74
N LYS A 519 22.47 8.22 -2.35
CA LYS A 519 21.68 7.27 -1.61
C LYS A 519 22.49 6.49 -0.57
N GLU A 520 23.56 5.83 -1.01
CA GLU A 520 24.40 5.04 -0.10
C GLU A 520 25.12 5.89 0.93
N ARG A 521 25.43 7.12 0.55
CA ARG A 521 26.14 8.05 1.44
C ARG A 521 25.23 8.55 2.56
N GLN A 522 24.00 8.89 2.22
CA GLN A 522 23.02 9.36 3.20
C GLN A 522 22.74 8.26 4.20
N ILE A 523 22.54 7.05 3.68
CA ILE A 523 22.25 5.90 4.50
C ILE A 523 23.43 5.61 5.40
N LYS A 524 24.63 5.92 4.95
CA LYS A 524 25.81 5.69 5.76
C LYS A 524 25.82 6.74 6.87
N LYS A 525 25.45 7.96 6.51
CA LYS A 525 25.40 9.06 7.48
C LYS A 525 24.25 8.87 8.45
N GLN A 526 23.08 8.51 7.92
CA GLN A 526 21.88 8.32 8.72
C GLN A 526 22.02 7.20 9.71
N THR A 527 22.80 6.19 9.34
CA THR A 527 23.05 5.03 10.17
C THR A 527 23.89 5.45 11.38
N ALA A 528 24.89 6.25 11.11
CA ALA A 528 25.79 6.74 12.14
C ALA A 528 24.96 7.56 13.14
N LEU A 529 24.05 8.36 12.59
CA LEU A 529 23.19 9.21 13.39
C LEU A 529 22.32 8.44 14.37
N VAL A 530 21.70 7.35 13.91
CA VAL A 530 20.86 6.55 14.79
C VAL A 530 21.72 6.03 15.93
N GLU A 531 22.88 5.48 15.56
CA GLU A 531 23.83 4.94 16.52
C GLU A 531 24.29 6.02 17.48
N LEU A 532 24.40 7.26 16.96
CA LEU A 532 24.80 8.37 17.82
C LEU A 532 23.75 8.54 18.89
N VAL A 533 22.51 8.72 18.46
CA VAL A 533 21.41 8.90 19.39
C VAL A 533 21.29 7.73 20.38
N LYS A 534 21.49 6.50 19.89
CA LYS A 534 21.41 5.33 20.78
C LYS A 534 22.50 5.35 21.83
N HIS A 535 23.62 6.00 21.52
CA HIS A 535 24.74 6.08 22.43
C HIS A 535 24.57 7.21 23.44
N LYS A 536 23.90 8.27 23.03
CA LYS A 536 23.66 9.38 23.92
C LYS A 536 22.31 9.99 23.61
N PRO A 537 21.25 9.30 24.03
CA PRO A 537 19.83 9.66 23.84
C PRO A 537 19.37 10.93 24.57
N LYS A 538 20.22 11.44 25.45
CA LYS A 538 19.88 12.64 26.21
C LYS A 538 20.56 13.84 25.58
N ALA A 539 20.99 13.69 24.33
CA ALA A 539 21.64 14.79 23.65
C ALA A 539 20.54 15.73 23.18
N THR A 540 20.89 16.99 22.94
CA THR A 540 19.92 18.01 22.52
C THR A 540 19.89 18.23 21.00
N LYS A 541 18.76 18.76 20.51
CA LYS A 541 18.64 19.07 19.09
C LYS A 541 19.81 19.99 18.83
N GLU A 542 20.12 20.79 19.83
CA GLU A 542 21.21 21.75 19.77
C GLU A 542 22.58 21.08 19.81
N GLN A 543 22.79 20.16 20.76
CA GLN A 543 24.07 19.47 20.87
C GLN A 543 24.34 18.64 19.64
N LEU A 544 23.37 17.80 19.29
CA LEU A 544 23.49 16.94 18.13
C LEU A 544 23.72 17.77 16.88
N LYS A 545 22.96 18.85 16.74
CA LYS A 545 23.08 19.74 15.58
C LYS A 545 24.53 20.17 15.39
N ALA A 546 25.23 20.40 16.49
CA ALA A 546 26.62 20.83 16.45
C ALA A 546 27.52 19.67 16.00
N VAL A 547 27.31 18.50 16.56
CA VAL A 547 28.10 17.35 16.19
C VAL A 547 27.85 17.04 14.70
N MET A 548 26.60 17.20 14.27
CA MET A 548 26.28 16.93 12.87
C MET A 548 27.01 17.88 11.96
N ASP A 549 27.00 19.17 12.28
CA ASP A 549 27.68 20.16 11.46
C ASP A 549 29.18 19.85 11.41
N ASP A 550 29.79 19.62 12.56
CA ASP A 550 31.21 19.29 12.59
C ASP A 550 31.48 18.07 11.73
N PHE A 551 30.43 17.29 11.46
CA PHE A 551 30.59 16.10 10.65
C PHE A 551 30.53 16.49 9.17
N ALA A 552 29.55 17.30 8.80
CA ALA A 552 29.45 17.75 7.41
C ALA A 552 30.80 18.29 6.98
N ALA A 553 31.39 19.13 7.82
CA ALA A 553 32.70 19.71 7.53
C ALA A 553 33.72 18.60 7.38
N PHE A 554 33.87 17.81 8.45
CA PHE A 554 34.80 16.69 8.45
C PHE A 554 34.76 15.92 7.14
N VAL A 555 33.57 15.66 6.61
CA VAL A 555 33.46 14.93 5.35
C VAL A 555 34.10 15.74 4.24
N GLU A 556 33.62 16.95 4.04
CA GLU A 556 34.14 17.84 3.01
C GLU A 556 35.66 17.89 3.10
N LYS A 557 36.15 18.36 4.25
CA LYS A 557 37.58 18.47 4.49
C LYS A 557 38.34 17.29 3.89
N CYS A 558 37.95 16.08 4.28
CA CYS A 558 38.62 14.89 3.80
C CYS A 558 38.26 14.42 2.39
N CYS A 559 36.99 14.55 1.97
CA CYS A 559 36.62 14.14 0.62
C CYS A 559 36.89 15.31 -0.32
N LYS A 560 38.17 15.63 -0.51
CA LYS A 560 38.55 16.74 -1.36
C LYS A 560 40.05 16.92 -1.17
N ALA A 561 40.53 16.56 0.02
CA ALA A 561 41.94 16.68 0.37
C ALA A 561 42.78 15.73 -0.47
N ASP A 562 43.98 16.18 -0.83
CA ASP A 562 44.91 15.40 -1.63
C ASP A 562 44.88 13.96 -1.19
N ASP A 563 45.35 13.70 0.03
CA ASP A 563 45.35 12.37 0.56
C ASP A 563 44.15 12.16 1.47
N LYS A 564 43.07 11.66 0.87
CA LYS A 564 41.84 11.40 1.59
C LYS A 564 42.01 10.43 2.76
N GLU A 565 42.57 9.26 2.48
CA GLU A 565 42.78 8.23 3.49
C GLU A 565 43.21 8.75 4.86
N THR A 566 44.42 9.28 4.92
CA THR A 566 44.96 9.81 6.17
C THR A 566 43.97 10.75 6.85
N CYS A 567 43.56 11.78 6.12
CA CYS A 567 42.61 12.77 6.63
C CYS A 567 41.50 12.09 7.43
N PHE A 568 40.83 11.11 6.83
CA PHE A 568 39.75 10.41 7.50
C PHE A 568 40.19 9.68 8.75
N ALA A 569 41.48 9.45 8.90
CA ALA A 569 41.99 8.75 10.08
C ALA A 569 42.43 9.73 11.15
N GLU A 570 43.13 10.78 10.75
CA GLU A 570 43.62 11.78 11.69
C GLU A 570 42.51 12.75 12.09
N GLU A 571 41.86 13.33 11.10
CA GLU A 571 40.77 14.25 11.39
C GLU A 571 39.59 13.44 11.97
N GLY A 572 39.67 12.12 11.84
CA GLY A 572 38.65 11.24 12.37
C GLY A 572 38.82 11.07 13.86
N LYS A 573 40.06 10.83 14.28
CA LYS A 573 40.36 10.68 15.70
C LYS A 573 39.81 11.92 16.40
N LYS A 574 40.16 13.08 15.86
CA LYS A 574 39.75 14.37 16.40
C LYS A 574 38.25 14.50 16.59
N LEU A 575 37.52 14.51 15.48
CA LEU A 575 36.07 14.64 15.51
C LEU A 575 35.48 13.79 16.63
N VAL A 576 35.77 12.49 16.61
CA VAL A 576 35.27 11.59 17.63
C VAL A 576 35.62 12.05 19.02
N ALA A 577 36.90 12.31 19.26
CA ALA A 577 37.36 12.75 20.57
C ALA A 577 36.63 14.01 21.01
N ALA A 578 36.65 15.02 20.15
CA ALA A 578 35.99 16.27 20.47
C ALA A 578 34.50 16.03 20.71
N SER A 579 33.84 15.39 19.76
CA SER A 579 32.42 15.09 19.86
C SER A 579 32.00 14.46 21.17
N GLN A 580 32.77 13.49 21.65
CA GLN A 580 32.44 12.83 22.91
C GLN A 580 32.49 13.82 24.04
N ALA A 581 33.49 14.70 24.01
CA ALA A 581 33.65 15.71 25.05
C ALA A 581 32.38 16.55 25.14
N ALA A 582 31.95 17.09 24.01
CA ALA A 582 30.75 17.93 23.94
C ALA A 582 29.49 17.20 24.43
N LEU A 583 29.38 15.92 24.13
CA LEU A 583 28.21 15.15 24.54
C LEU A 583 28.38 14.57 25.93
N GLY A 584 29.28 15.17 26.71
CA GLY A 584 29.53 14.72 28.06
C GLY A 584 29.75 13.21 28.17
N LEU A 585 30.48 12.64 27.34
C1 MYR B . 13.47 -3.15 -9.58
O1 MYR B . 13.02 -2.17 -10.22
O2 MYR B . 14.38 -3.04 -8.73
C2 MYR B . 12.88 -4.52 -9.85
C3 MYR B . 13.75 -5.27 -10.88
C4 MYR B . 12.89 -5.34 -12.13
C5 MYR B . 13.51 -4.55 -13.29
C6 MYR B . 13.01 -5.06 -14.63
C7 MYR B . 11.98 -4.10 -15.22
C8 MYR B . 11.09 -4.81 -16.24
C9 MYR B . 9.75 -5.21 -15.65
C10 MYR B . 8.70 -5.40 -16.73
C11 MYR B . 7.68 -6.45 -16.34
C12 MYR B . 6.32 -5.85 -16.08
C13 MYR B . 5.72 -6.38 -14.79
C14 MYR B . 5.70 -5.30 -13.73
C1 MYR C . -12.00 -6.11 -13.75
O1 MYR C . -12.65 -5.06 -13.95
O2 MYR C . -11.16 -6.20 -12.82
C2 MYR C . -12.27 -7.32 -14.64
C3 MYR C . -11.24 -7.40 -15.79
C4 MYR C . -11.51 -8.74 -16.47
C5 MYR C . -10.41 -9.78 -16.16
C6 MYR C . -10.81 -11.18 -16.65
C7 MYR C . -9.74 -12.23 -16.28
C8 MYR C . -9.89 -13.49 -17.14
C9 MYR C . -9.18 -14.69 -16.52
C10 MYR C . -8.27 -15.42 -17.53
C11 MYR C . -8.99 -16.58 -18.22
C12 MYR C . -8.11 -17.81 -18.34
C13 MYR C . -8.78 -19.06 -17.77
C14 MYR C . -8.61 -20.25 -18.69
C1 MYR D . -5.22 9.70 10.84
O1 MYR D . -4.74 9.10 11.82
O2 MYR D . -6.26 10.38 10.89
C2 MYR D . -4.48 9.55 9.51
C3 MYR D . -3.92 10.89 9.05
C4 MYR D . -2.48 10.89 9.51
C5 MYR D . -2.12 12.23 10.12
C6 MYR D . -0.68 12.27 10.58
C7 MYR D . 0.16 13.05 9.59
C8 MYR D . 1.54 13.37 10.13
C9 MYR D . 2.59 12.55 9.42
C10 MYR D . 3.97 13.17 9.54
C11 MYR D . 4.80 12.95 8.28
C12 MYR D . 4.67 14.14 7.33
C13 MYR D . 3.75 13.82 6.16
C14 MYR D . 2.46 14.59 6.28
C1 MYR E . 4.06 11.37 14.75
O1 MYR E . 3.00 11.58 15.39
O2 MYR E . 5.12 10.98 15.30
C2 MYR E . 4.08 11.61 13.24
C3 MYR E . 3.02 10.72 12.56
C4 MYR E . 3.79 9.48 12.10
C5 MYR E . 3.41 8.25 12.92
C6 MYR E . 4.34 7.11 12.62
C7 MYR E . 5.42 7.05 13.65
C8 MYR E . 6.36 5.89 13.41
C9 MYR E . 6.97 5.47 14.70
C10 MYR E . 8.42 5.09 14.51
C11 MYR E . 8.57 3.60 14.64
C12 MYR E . 9.98 3.24 15.01
C13 MYR E . 10.14 1.75 15.08
C14 MYR E . 11.09 1.27 14.02
C1 MYR F . 24.38 15.12 7.25
O1 MYR F . 24.36 16.37 7.17
O2 MYR F . 24.71 14.39 6.29
C2 MYR F . 24.00 14.46 8.57
C3 MYR F . 25.21 14.38 9.49
C4 MYR F . 25.43 12.90 9.70
C5 MYR F . 25.31 12.52 11.16
C6 MYR F . 26.38 11.54 11.57
C7 MYR F . 27.10 12.03 12.82
C8 MYR F . 28.06 10.99 13.36
C9 MYR F . 29.09 11.62 14.28
C10 MYR F . 29.08 10.97 15.65
C11 MYR F . 30.39 11.23 16.41
C12 MYR F . 30.67 10.15 17.44
C13 MYR F . 30.93 10.72 18.82
C14 MYR F . 30.13 9.99 19.87
C1 MYR G . -14.20 -0.54 14.78
O1 MYR G . -14.59 -1.71 14.54
O2 MYR G . -13.77 -0.17 15.90
C2 MYR G . -14.28 0.48 13.64
C3 MYR G . -15.03 1.74 14.10
C4 MYR G . -16.41 1.63 13.46
C5 MYR G . -17.25 2.87 13.77
C6 MYR G . -18.70 2.51 13.93
C7 MYR G . -19.48 2.84 12.68
C8 MYR G . -20.16 1.62 12.10
C9 MYR G . -21.16 1.99 11.04
C10 MYR G . -21.61 0.75 10.28
C11 MYR G . -21.69 1.02 8.77
C12 MYR G . -22.63 0.03 8.08
C13 MYR G . -23.67 0.74 7.22
C14 MYR G . -24.68 -0.23 6.65
C1 SWF H . -8.93 1.24 -3.38
C2 SWF H . -10.02 2.25 -3.09
O3 SWF H . -9.83 3.33 -2.22
C4 SWF H . -11.36 2.13 -3.74
C5 SWF H . -11.92 0.70 -3.61
C6 SWF H . -12.68 0.46 -2.33
C7 SWF H . -13.78 1.28 -1.76
C8 SWF H . -14.45 0.94 -0.51
C9 SWF H . -14.08 -0.21 0.23
C10 SWF H . -13.02 -1.04 -0.28
C11 SWF H . -12.33 -0.72 -1.54
C12 SWF H . -12.74 0.25 -4.87
C13 SWF H . -12.68 -1.05 -5.48
O14 SWF H . -11.91 -2.07 -5.07
C15 SWF H . -13.54 -1.42 -6.69
C16 SWF H . -13.58 -2.70 -7.37
C17 SWF H . -14.46 -2.92 -8.48
C18 SWF H . -15.31 -1.85 -8.93
C19 SWF H . -15.29 -0.60 -8.30
C20 SWF H . -14.41 -0.36 -7.18
O21 SWF H . -14.44 0.87 -6.58
C22 SWF H . -13.66 1.24 -5.47
O23 SWF H . -13.86 2.36 -5.10
#